data_3V67
#
_entry.id   3V67
#
_cell.length_a   148.583
_cell.length_b   148.583
_cell.length_c   32.314
_cell.angle_alpha   90.00
_cell.angle_beta   90.00
_cell.angle_gamma   120.00
#
_symmetry.space_group_name_H-M   'H 3'
#
loop_
_entity.id
_entity.type
_entity.pdbx_description
1 polymer 'Sensor protein CpxA'
2 water water
#
_entity_poly.entity_id   1
_entity_poly.type   'polypeptide(L)'
_entity_poly.pdbx_seq_one_letter_code
;GSHLDPRKARDIPDEHYQRIIETRDAIQNKYSKETDLGRILFRVEGNRAGKHDPRPRVFFSDYNGNVLTTDKRSNFQLRA
MQNFVTSIEDYNKPKQRLYGRYMIAGPVPIVLADSELLMYVGFKWNEPPPLLLRLFDH
;
_entity_poly.pdbx_strand_id   A,B
#
# COMPACT_ATOMS: atom_id res chain seq x y z
N PRO A 6 -6.93 10.14 14.53
CA PRO A 6 -6.23 10.92 13.51
C PRO A 6 -6.10 10.12 12.22
N ARG A 7 -7.23 9.72 11.64
CA ARG A 7 -7.20 8.74 10.55
C ARG A 7 -7.01 9.30 9.12
N LYS A 8 -6.93 8.35 8.19
CA LYS A 8 -6.27 8.44 6.91
C LYS A 8 -7.00 7.52 5.94
N ALA A 9 -7.99 8.06 5.23
CA ALA A 9 -8.69 7.30 4.21
C ALA A 9 -7.79 7.14 2.99
N ARG A 10 -7.21 5.95 2.84
CA ARG A 10 -6.24 5.72 1.79
C ARG A 10 -6.85 4.89 0.67
N ASP A 11 -6.27 5.01 -0.53
CA ASP A 11 -6.73 4.25 -1.67
C ASP A 11 -6.51 2.75 -1.46
N ILE A 12 -7.42 1.96 -2.00
CA ILE A 12 -7.25 0.51 -2.01
C ILE A 12 -6.42 0.14 -3.23
N PRO A 13 -5.38 -0.67 -3.02
CA PRO A 13 -4.54 -1.18 -4.12
C PRO A 13 -5.40 -1.85 -5.19
N ASP A 14 -5.09 -1.58 -6.46
CA ASP A 14 -5.92 -2.02 -7.58
C ASP A 14 -6.24 -3.51 -7.58
N GLU A 15 -5.27 -4.33 -7.18
CA GLU A 15 -5.47 -5.77 -7.11
C GLU A 15 -6.49 -6.12 -6.02
N HIS A 16 -6.35 -5.47 -4.88
CA HIS A 16 -7.25 -5.67 -3.75
C HIS A 16 -8.66 -5.23 -4.13
N TYR A 17 -8.78 -4.03 -4.71
CA TYR A 17 -10.09 -3.52 -5.10
C TYR A 17 -10.77 -4.39 -6.16
N GLN A 18 -9.99 -4.79 -7.15
CA GLN A 18 -10.47 -5.69 -8.20
C GLN A 18 -10.98 -6.99 -7.60
N ARG A 19 -10.20 -7.54 -6.66
CA ARG A 19 -10.61 -8.74 -5.94
C ARG A 19 -11.94 -8.54 -5.23
N ILE A 20 -12.03 -7.47 -4.45
CA ILE A 20 -13.24 -7.11 -3.72
C ILE A 20 -14.46 -7.06 -4.64
N ILE A 21 -14.28 -6.44 -5.80
CA ILE A 21 -15.34 -6.37 -6.81
C ILE A 21 -15.74 -7.78 -7.25
N GLU A 22 -14.73 -8.62 -7.48
CA GLU A 22 -14.97 -9.99 -7.90
C GLU A 22 -15.76 -10.82 -6.89
N THR A 23 -15.39 -10.74 -5.61
CA THR A 23 -16.10 -11.49 -4.59
C THR A 23 -17.48 -10.88 -4.31
N ARG A 24 -17.62 -9.59 -4.57
CA ARG A 24 -18.92 -8.93 -4.45
C ARG A 24 -19.86 -9.52 -5.49
N ASP A 25 -19.43 -9.48 -6.76
CA ASP A 25 -20.20 -10.07 -7.85
C ASP A 25 -20.50 -11.54 -7.60
N ALA A 26 -19.52 -12.25 -7.04
CA ALA A 26 -19.67 -13.67 -6.76
C ALA A 26 -20.73 -13.93 -5.70
N ILE A 27 -20.69 -13.17 -4.61
CA ILE A 27 -21.67 -13.29 -3.54
C ILE A 27 -23.06 -12.92 -4.06
N GLN A 28 -23.11 -11.89 -4.91
CA GLN A 28 -24.35 -11.48 -5.54
C GLN A 28 -24.95 -12.60 -6.38
N ASN A 29 -24.12 -13.27 -7.15
CA ASN A 29 -24.59 -14.34 -8.03
C ASN A 29 -24.94 -15.63 -7.29
N LYS A 30 -24.23 -15.91 -6.20
CA LYS A 30 -24.46 -17.12 -5.43
C LYS A 30 -25.82 -17.09 -4.74
N TYR A 31 -26.17 -15.93 -4.18
CA TYR A 31 -27.40 -15.81 -3.41
C TYR A 31 -28.49 -15.06 -4.16
N SER A 32 -28.43 -15.09 -5.48
CA SER A 32 -29.42 -14.41 -6.31
C SER A 32 -30.80 -15.01 -6.13
N LYS A 33 -30.84 -16.28 -5.74
CA LYS A 33 -32.09 -17.00 -5.54
C LYS A 33 -32.75 -16.63 -4.21
N GLU A 34 -31.93 -16.29 -3.22
CA GLU A 34 -32.43 -16.05 -1.86
C GLU A 34 -33.15 -14.71 -1.73
N THR A 35 -34.32 -14.74 -1.10
CA THR A 35 -35.13 -13.54 -0.92
C THR A 35 -35.09 -13.03 0.52
N ASP A 36 -34.48 -13.80 1.41
CA ASP A 36 -34.36 -13.40 2.80
C ASP A 36 -32.96 -12.87 3.07
N LEU A 37 -32.88 -11.59 3.46
CA LEU A 37 -31.60 -10.94 3.70
C LEU A 37 -30.88 -11.59 4.90
N GLY A 38 -31.63 -11.84 5.97
CA GLY A 38 -31.07 -12.45 7.16
C GLY A 38 -30.44 -13.80 6.89
N ARG A 39 -31.10 -14.58 6.04
CA ARG A 39 -30.60 -15.88 5.64
C ARG A 39 -29.27 -15.72 4.88
N ILE A 40 -29.21 -14.73 4.01
CA ILE A 40 -28.00 -14.45 3.24
C ILE A 40 -26.84 -14.09 4.17
N LEU A 41 -27.07 -13.13 5.06
CA LEU A 41 -26.03 -12.66 5.98
C LEU A 41 -25.53 -13.80 6.85
N PHE A 42 -26.48 -14.57 7.37
CA PHE A 42 -26.18 -15.74 8.18
C PHE A 42 -25.29 -16.73 7.43
N ARG A 43 -25.70 -17.11 6.22
CA ARG A 43 -24.91 -18.02 5.39
C ARG A 43 -23.51 -17.50 5.09
N VAL A 44 -23.44 -16.25 4.62
CA VAL A 44 -22.16 -15.64 4.26
C VAL A 44 -21.19 -15.61 5.43
N GLU A 45 -21.68 -15.17 6.59
CA GLU A 45 -20.83 -15.07 7.76
C GLU A 45 -20.59 -16.44 8.40
N GLY A 46 -21.35 -17.44 7.97
CA GLY A 46 -21.21 -18.78 8.50
C GLY A 46 -19.91 -19.46 8.13
N ASN A 47 -19.26 -19.00 7.06
CA ASN A 47 -18.06 -19.67 6.57
C ASN A 47 -16.79 -19.41 7.39
N ARG A 48 -16.87 -18.51 8.37
CA ARG A 48 -15.73 -18.25 9.25
C ARG A 48 -15.68 -19.25 10.40
N ALA A 49 -14.50 -19.81 10.64
CA ALA A 49 -14.34 -20.92 11.57
C ALA A 49 -14.14 -20.46 13.01
N GLY A 50 -13.84 -19.19 13.19
CA GLY A 50 -13.61 -18.66 14.52
C GLY A 50 -13.15 -17.22 14.45
N LYS A 51 -12.81 -16.66 15.61
CA LYS A 51 -12.39 -15.26 15.67
C LYS A 51 -10.96 -15.08 15.19
N HIS A 52 -10.12 -16.09 15.42
CA HIS A 52 -8.73 -16.03 15.00
C HIS A 52 -8.58 -16.43 13.53
N ASP A 53 -9.70 -16.65 12.87
CA ASP A 53 -9.73 -17.00 11.45
C ASP A 53 -9.00 -15.93 10.62
N PRO A 54 -7.91 -16.32 9.95
CA PRO A 54 -7.05 -15.39 9.20
C PRO A 54 -7.72 -14.86 7.93
N ARG A 55 -8.76 -15.56 7.46
CA ARG A 55 -9.45 -15.16 6.24
C ARG A 55 -10.07 -13.78 6.34
N PRO A 56 -10.10 -13.03 5.23
CA PRO A 56 -10.77 -11.73 5.18
C PRO A 56 -12.23 -11.88 5.57
N ARG A 57 -12.71 -11.01 6.46
CA ARG A 57 -14.08 -11.03 6.91
C ARG A 57 -14.95 -10.03 6.15
N VAL A 58 -16.07 -10.49 5.62
CA VAL A 58 -16.97 -9.61 4.89
C VAL A 58 -18.01 -8.97 5.81
N PHE A 59 -18.08 -7.64 5.77
CA PHE A 59 -19.07 -6.89 6.55
C PHE A 59 -20.09 -6.26 5.60
N PHE A 60 -21.24 -5.88 6.16
CA PHE A 60 -22.27 -5.22 5.39
C PHE A 60 -22.84 -4.02 6.14
N SER A 61 -23.37 -3.07 5.40
CA SER A 61 -24.11 -1.97 6.00
C SER A 61 -25.18 -1.50 5.02
N ASP A 62 -26.09 -0.65 5.48
CA ASP A 62 -27.06 -0.06 4.58
C ASP A 62 -26.58 1.32 4.14
N TYR A 63 -27.47 2.09 3.53
CA TYR A 63 -27.15 3.46 3.13
C TYR A 63 -27.64 4.46 4.18
N ASN A 64 -27.76 4.00 5.42
CA ASN A 64 -28.20 4.86 6.51
C ASN A 64 -27.25 4.81 7.71
N GLY A 65 -26.07 4.21 7.51
CA GLY A 65 -25.04 4.21 8.53
C GLY A 65 -25.09 3.06 9.53
N ASN A 66 -25.84 2.02 9.22
CA ASN A 66 -25.98 0.91 10.15
C ASN A 66 -25.27 -0.36 9.67
N VAL A 67 -24.40 -0.90 10.52
CA VAL A 67 -23.71 -2.15 10.21
C VAL A 67 -24.66 -3.34 10.38
N LEU A 68 -24.68 -4.23 9.38
CA LEU A 68 -25.57 -5.38 9.41
C LEU A 68 -24.77 -6.66 9.57
N THR A 69 -24.95 -7.32 10.71
CA THR A 69 -24.26 -8.57 10.99
C THR A 69 -24.94 -9.34 12.12
N THR A 70 -24.81 -10.65 12.09
CA THR A 70 -25.15 -11.46 13.24
C THR A 70 -23.94 -11.35 14.15
N ASP A 71 -24.12 -11.12 15.43
CA ASP A 71 -22.95 -10.85 16.28
C ASP A 71 -21.85 -11.92 16.21
N LYS A 72 -20.63 -11.49 15.93
CA LYS A 72 -19.51 -12.42 15.76
C LYS A 72 -18.49 -12.36 16.91
N ARG A 73 -17.89 -13.52 17.18
CA ARG A 73 -16.91 -13.76 18.25
C ARG A 73 -15.93 -12.61 18.54
N SER A 74 -15.65 -11.79 17.54
CA SER A 74 -14.68 -10.71 17.71
C SER A 74 -15.33 -9.32 17.81
N ASN A 75 -15.31 -8.75 19.01
CA ASN A 75 -15.87 -7.43 19.24
C ASN A 75 -15.05 -6.32 18.60
N PHE A 76 -13.73 -6.52 18.59
CA PHE A 76 -12.80 -5.54 18.04
C PHE A 76 -13.09 -5.22 16.57
N GLN A 77 -13.20 -6.26 15.75
CA GLN A 77 -13.52 -6.11 14.34
C GLN A 77 -14.83 -5.35 14.15
N LEU A 78 -15.76 -5.56 15.07
CA LEU A 78 -17.06 -4.92 15.01
C LEU A 78 -16.97 -3.42 15.31
N ARG A 79 -16.19 -3.08 16.33
CA ARG A 79 -15.91 -1.68 16.67
C ARG A 79 -15.24 -0.97 15.49
N ALA A 80 -14.22 -1.60 14.94
CA ALA A 80 -13.48 -1.05 13.81
C ALA A 80 -14.42 -0.80 12.63
N MET A 81 -15.26 -1.79 12.33
CA MET A 81 -16.20 -1.66 11.22
C MET A 81 -17.18 -0.51 11.43
N GLN A 82 -17.77 -0.44 12.61
CA GLN A 82 -18.72 0.64 12.91
C GLN A 82 -18.06 1.99 12.72
N ASN A 83 -16.88 2.15 13.32
CA ASN A 83 -16.12 3.38 13.17
C ASN A 83 -15.88 3.71 11.70
N PHE A 84 -15.50 2.71 10.92
CA PHE A 84 -15.25 2.90 9.49
C PHE A 84 -16.49 3.42 8.78
N VAL A 85 -17.62 2.77 9.04
CA VAL A 85 -18.88 3.14 8.40
C VAL A 85 -19.25 4.58 8.72
N THR A 86 -19.12 4.97 9.99
CA THR A 86 -19.45 6.35 10.36
C THR A 86 -18.36 7.35 9.95
N SER A 87 -17.21 6.85 9.50
CA SER A 87 -16.11 7.70 9.11
C SER A 87 -16.07 7.99 7.61
N ILE A 88 -16.93 7.33 6.84
CA ILE A 88 -16.93 7.48 5.39
C ILE A 88 -17.24 8.92 4.98
N GLU A 89 -16.42 9.46 4.10
CA GLU A 89 -16.63 10.82 3.61
C GLU A 89 -17.43 10.81 2.31
N ASP A 90 -17.20 9.82 1.48
CA ASP A 90 -17.90 9.71 0.20
C ASP A 90 -18.23 8.26 -0.12
N TYR A 91 -19.52 7.96 -0.22
CA TYR A 91 -19.99 6.60 -0.45
C TYR A 91 -19.75 6.10 -1.88
N ASN A 92 -19.15 6.94 -2.71
CA ASN A 92 -18.89 6.57 -4.09
C ASN A 92 -17.42 6.25 -4.35
N LYS A 93 -16.58 6.52 -3.35
CA LYS A 93 -15.15 6.19 -3.44
C LYS A 93 -14.73 5.24 -2.32
N PRO A 94 -14.48 3.98 -2.67
CA PRO A 94 -13.97 2.99 -1.72
C PRO A 94 -12.58 3.36 -1.23
N LYS A 95 -12.37 3.29 0.08
CA LYS A 95 -11.08 3.59 0.67
C LYS A 95 -10.76 2.51 1.71
N GLN A 96 -9.59 2.61 2.32
CA GLN A 96 -9.25 1.72 3.43
C GLN A 96 -8.67 2.47 4.62
N ARG A 97 -8.96 1.97 5.82
CA ARG A 97 -8.46 2.55 7.05
C ARG A 97 -7.83 1.48 7.95
N LEU A 98 -6.74 1.83 8.63
CA LEU A 98 -6.06 0.88 9.49
C LEU A 98 -6.44 1.07 10.95
N TYR A 99 -6.95 0.00 11.56
CA TYR A 99 -7.32 -0.01 12.97
C TYR A 99 -6.39 -0.95 13.73
N GLY A 100 -5.31 -0.39 14.28
CA GLY A 100 -4.27 -1.18 14.89
C GLY A 100 -3.54 -1.97 13.82
N ARG A 101 -3.87 -3.25 13.71
CA ARG A 101 -3.29 -4.10 12.68
C ARG A 101 -4.38 -4.64 11.76
N TYR A 102 -5.60 -4.11 11.94
CA TYR A 102 -6.75 -4.58 11.17
C TYR A 102 -7.20 -3.55 10.14
N MET A 103 -6.91 -3.82 8.88
CA MET A 103 -7.32 -2.94 7.79
C MET A 103 -8.76 -3.19 7.37
N ILE A 104 -9.48 -2.11 7.07
CA ILE A 104 -10.86 -2.23 6.60
C ILE A 104 -11.06 -1.45 5.32
N ALA A 105 -11.60 -2.13 4.30
CA ALA A 105 -11.78 -1.52 2.99
C ALA A 105 -13.24 -1.51 2.54
N GLY A 106 -13.66 -0.41 1.92
CA GLY A 106 -15.02 -0.28 1.41
C GLY A 106 -15.47 1.17 1.35
N PRO A 107 -16.76 1.39 1.06
CA PRO A 107 -17.73 0.35 0.74
C PRO A 107 -17.80 0.08 -0.75
N VAL A 108 -18.32 -1.08 -1.14
CA VAL A 108 -18.69 -1.31 -2.53
C VAL A 108 -20.17 -1.70 -2.58
N PRO A 109 -20.91 -1.18 -3.56
CA PRO A 109 -22.34 -1.49 -3.63
C PRO A 109 -22.59 -2.98 -3.83
N ILE A 110 -23.67 -3.48 -3.24
CA ILE A 110 -24.04 -4.87 -3.42
C ILE A 110 -25.56 -5.02 -3.35
N VAL A 111 -26.10 -6.00 -4.08
CA VAL A 111 -27.53 -6.24 -4.04
C VAL A 111 -27.80 -7.64 -3.51
N LEU A 112 -28.44 -7.70 -2.35
CA LEU A 112 -28.78 -8.96 -1.72
C LEU A 112 -30.24 -8.95 -1.31
N ALA A 113 -30.97 -10.00 -1.70
CA ALA A 113 -32.40 -10.11 -1.42
C ALA A 113 -33.19 -8.91 -1.96
N ASP A 114 -32.86 -8.49 -3.18
CA ASP A 114 -33.48 -7.32 -3.80
C ASP A 114 -33.35 -6.05 -2.96
N SER A 115 -32.33 -5.99 -2.13
CA SER A 115 -32.05 -4.81 -1.32
C SER A 115 -30.67 -4.24 -1.68
N GLU A 116 -30.59 -2.92 -1.78
CA GLU A 116 -29.32 -2.25 -2.07
C GLU A 116 -28.56 -1.95 -0.79
N LEU A 117 -27.43 -2.64 -0.64
CA LEU A 117 -26.59 -2.51 0.56
C LEU A 117 -25.15 -2.22 0.17
N LEU A 118 -24.28 -2.20 1.17
CA LEU A 118 -22.86 -1.94 0.95
C LEU A 118 -22.01 -3.01 1.61
N MET A 119 -20.99 -3.45 0.89
CA MET A 119 -20.10 -4.51 1.35
C MET A 119 -18.74 -3.93 1.70
N TYR A 120 -18.12 -4.54 2.71
CA TYR A 120 -16.82 -4.12 3.19
C TYR A 120 -15.99 -5.37 3.45
N VAL A 121 -14.67 -5.21 3.51
CA VAL A 121 -13.79 -6.33 3.81
C VAL A 121 -12.77 -5.93 4.87
N GLY A 122 -12.74 -6.70 5.96
CA GLY A 122 -11.76 -6.49 7.01
C GLY A 122 -10.70 -7.58 6.93
N PHE A 123 -9.46 -7.22 7.22
CA PHE A 123 -8.36 -8.17 7.16
C PHE A 123 -7.17 -7.62 7.91
N LYS A 124 -6.54 -8.44 8.75
CA LYS A 124 -5.40 -7.98 9.51
C LYS A 124 -4.21 -7.67 8.61
N TRP A 125 -3.52 -6.59 8.92
CA TRP A 125 -2.45 -6.08 8.08
C TRP A 125 -1.13 -6.16 8.83
N ASN A 126 -0.18 -6.92 8.30
CA ASN A 126 1.04 -7.25 9.04
C ASN A 126 2.31 -6.50 8.69
N GLU A 127 2.28 -5.19 8.96
CA GLU A 127 3.44 -4.30 9.06
C GLU A 127 4.75 -4.82 8.45
N PRO A 128 5.13 -4.28 7.29
CA PRO A 128 6.23 -4.77 6.46
C PRO A 128 7.55 -4.82 7.20
N PRO A 129 8.41 -5.79 6.84
CA PRO A 129 9.77 -5.85 7.38
C PRO A 129 10.46 -4.53 7.07
N PRO A 130 11.08 -3.91 8.09
CA PRO A 130 11.59 -2.55 7.97
C PRO A 130 12.74 -2.47 6.97
N LEU A 131 13.02 -1.25 6.52
CA LEU A 131 14.23 -1.00 5.74
C LEU A 131 15.07 0.04 6.46
N LEU A 132 16.38 -0.18 6.46
CA LEU A 132 17.33 0.78 7.03
C LEU A 132 18.61 0.75 6.19
N LEU A 133 19.02 1.89 5.60
CA LEU A 133 18.54 3.27 5.84
C LEU A 133 18.79 3.79 7.25
N ARG A 134 20.08 3.95 7.55
CA ARG A 134 20.54 4.49 8.82
C ARG A 134 21.07 5.89 8.55
N LEU A 135 21.27 6.68 9.61
CA LEU A 135 21.79 8.03 9.43
C LEU A 135 23.25 8.01 8.97
N PHE A 136 24.03 7.03 9.45
CA PHE A 136 25.46 7.03 9.13
C PHE A 136 25.79 6.65 7.69
N ASP A 137 24.78 6.79 6.82
CA ASP A 137 24.96 6.76 5.36
C ASP A 137 25.63 5.50 4.84
N ARG B 7 2.91 -1.87 -13.94
CA ARG B 7 1.48 -1.58 -13.83
C ARG B 7 1.03 -1.41 -12.38
N LYS B 8 1.77 -1.93 -11.41
CA LYS B 8 1.25 -1.78 -10.05
C LYS B 8 1.97 -0.74 -9.22
N ALA B 9 1.66 0.53 -9.46
CA ALA B 9 2.17 1.60 -8.62
C ALA B 9 1.42 1.57 -7.29
N ARG B 10 2.09 1.04 -6.27
CA ARG B 10 1.46 0.85 -4.97
C ARG B 10 1.94 1.90 -3.97
N ASP B 11 1.13 2.15 -2.95
CA ASP B 11 1.50 3.08 -1.89
C ASP B 11 2.71 2.59 -1.13
N ILE B 12 3.54 3.53 -0.68
CA ILE B 12 4.63 3.21 0.21
C ILE B 12 4.09 3.21 1.64
N PRO B 13 4.40 2.15 2.40
CA PRO B 13 4.03 2.06 3.82
C PRO B 13 4.52 3.28 4.59
N ASP B 14 3.67 3.82 5.46
CA ASP B 14 3.94 5.08 6.15
C ASP B 14 5.29 5.15 6.85
N GLU B 15 5.70 4.03 7.45
CA GLU B 15 6.99 3.95 8.12
C GLU B 15 8.14 4.08 7.12
N HIS B 16 8.00 3.37 6.00
CA HIS B 16 8.99 3.43 4.94
C HIS B 16 9.07 4.83 4.34
N TYR B 17 7.93 5.42 4.02
CA TYR B 17 7.90 6.76 3.45
C TYR B 17 8.48 7.80 4.41
N GLN B 18 8.09 7.72 5.67
CA GLN B 18 8.61 8.61 6.72
C GLN B 18 10.13 8.49 6.81
N ARG B 19 10.61 7.25 6.79
CA ARG B 19 12.04 6.99 6.78
C ARG B 19 12.72 7.66 5.59
N ILE B 20 12.19 7.41 4.40
CA ILE B 20 12.71 8.00 3.16
C ILE B 20 12.83 9.52 3.26
N ILE B 21 11.78 10.14 3.80
CA ILE B 21 11.78 11.58 4.03
C ILE B 21 12.92 11.98 4.97
N GLU B 22 13.09 11.19 6.04
CA GLU B 22 14.14 11.46 7.02
C GLU B 22 15.56 11.37 6.42
N THR B 23 15.83 10.35 5.62
CA THR B 23 17.16 10.22 5.02
C THR B 23 17.36 11.23 3.90
N ARG B 24 16.25 11.66 3.28
CA ARG B 24 16.31 12.72 2.28
C ARG B 24 16.78 14.00 2.95
N ASP B 25 16.07 14.40 4.00
CA ASP B 25 16.44 15.59 4.77
C ASP B 25 17.87 15.49 5.30
N ALA B 26 18.25 14.29 5.73
CA ALA B 26 19.59 14.05 6.26
C ALA B 26 20.67 14.24 5.20
N ILE B 27 20.46 13.66 4.02
CA ILE B 27 21.39 13.81 2.92
C ILE B 27 21.48 15.27 2.48
N GLN B 28 20.34 15.94 2.48
CA GLN B 28 20.27 17.37 2.16
C GLN B 28 21.11 18.20 3.12
N ASN B 29 20.99 17.89 4.41
CA ASN B 29 21.72 18.64 5.43
C ASN B 29 23.21 18.31 5.49
N LYS B 30 23.56 17.07 5.19
CA LYS B 30 24.95 16.65 5.22
C LYS B 30 25.78 17.33 4.13
N TYR B 31 25.20 17.44 2.94
CA TYR B 31 25.93 17.98 1.79
C TYR B 31 25.48 19.38 1.42
N SER B 32 24.96 20.11 2.42
CA SER B 32 24.50 21.47 2.19
C SER B 32 25.65 22.40 1.82
N LYS B 33 26.85 22.03 2.25
CA LYS B 33 28.04 22.83 1.96
C LYS B 33 28.55 22.61 0.54
N GLU B 34 28.31 21.42 0.00
CA GLU B 34 28.86 21.06 -1.31
C GLU B 34 28.13 21.73 -2.48
N THR B 35 28.90 22.29 -3.40
CA THR B 35 28.34 22.99 -4.55
C THR B 35 28.46 22.18 -5.84
N ASP B 36 29.19 21.07 -5.76
CA ASP B 36 29.36 20.20 -6.93
C ASP B 36 28.44 18.98 -6.82
N LEU B 37 27.52 18.87 -7.77
CA LEU B 37 26.55 17.78 -7.77
C LEU B 37 27.23 16.43 -7.94
N GLY B 38 28.17 16.37 -8.88
CA GLY B 38 28.90 15.13 -9.14
C GLY B 38 29.63 14.62 -7.91
N ARG B 39 30.22 15.55 -7.16
CA ARG B 39 30.91 15.21 -5.93
C ARG B 39 29.92 14.62 -4.91
N ILE B 40 28.74 15.22 -4.82
CA ILE B 40 27.70 14.73 -3.92
C ILE B 40 27.27 13.31 -4.29
N LEU B 41 26.95 13.08 -5.56
CA LEU B 41 26.48 11.79 -6.03
C LEU B 41 27.54 10.72 -5.79
N PHE B 42 28.77 11.07 -6.13
CA PHE B 42 29.92 10.20 -5.91
C PHE B 42 30.05 9.80 -4.45
N ARG B 43 30.06 10.79 -3.55
CA ARG B 43 30.15 10.54 -2.12
C ARG B 43 29.01 9.66 -1.59
N VAL B 44 27.78 10.04 -1.93
CA VAL B 44 26.59 9.32 -1.49
C VAL B 44 26.62 7.86 -1.91
N GLU B 45 26.93 7.62 -3.18
CA GLU B 45 26.95 6.27 -3.71
C GLU B 45 28.22 5.51 -3.29
N GLY B 46 29.17 6.25 -2.74
CA GLY B 46 30.41 5.67 -2.29
C GLY B 46 30.28 4.75 -1.09
N ASN B 47 29.20 4.91 -0.32
CA ASN B 47 29.06 4.15 0.91
C ASN B 47 28.61 2.68 0.73
N ARG B 48 28.32 2.30 -0.50
CA ARG B 48 27.97 0.90 -0.79
C ARG B 48 29.22 0.05 -1.01
N ALA B 49 29.26 -1.09 -0.35
CA ALA B 49 30.47 -1.91 -0.32
C ALA B 49 30.58 -2.86 -1.51
N GLY B 50 29.47 -3.05 -2.23
CA GLY B 50 29.47 -3.95 -3.37
C GLY B 50 28.08 -4.07 -3.96
N LYS B 51 27.93 -4.95 -4.93
CA LYS B 51 26.64 -5.13 -5.59
C LYS B 51 25.70 -5.98 -4.73
N HIS B 52 26.25 -6.92 -3.97
CA HIS B 52 25.45 -7.78 -3.11
C HIS B 52 25.13 -7.09 -1.78
N ASP B 53 25.53 -5.83 -1.66
CA ASP B 53 25.27 -5.03 -0.48
C ASP B 53 23.76 -4.97 -0.19
N PRO B 54 23.34 -5.50 0.96
CA PRO B 54 21.93 -5.62 1.35
C PRO B 54 21.28 -4.27 1.65
N ARG B 55 22.09 -3.26 1.94
CA ARG B 55 21.59 -1.93 2.29
C ARG B 55 20.77 -1.33 1.17
N PRO B 56 19.73 -0.54 1.52
CA PRO B 56 18.94 0.19 0.53
C PRO B 56 19.84 1.11 -0.29
N ARG B 57 19.68 1.07 -1.61
CA ARG B 57 20.46 1.90 -2.50
C ARG B 57 19.72 3.17 -2.89
N VAL B 58 20.35 4.32 -2.74
CA VAL B 58 19.72 5.58 -3.10
C VAL B 58 20.00 5.95 -4.56
N PHE B 59 18.94 6.21 -5.32
CA PHE B 59 19.05 6.65 -6.71
C PHE B 59 18.60 8.10 -6.83
N PHE B 60 18.99 8.74 -7.94
CA PHE B 60 18.59 10.11 -8.21
C PHE B 60 18.16 10.28 -9.66
N SER B 61 17.31 11.27 -9.89
CA SER B 61 16.95 11.65 -11.26
C SER B 61 16.65 13.12 -11.28
N ASP B 62 16.51 13.69 -12.48
CA ASP B 62 16.09 15.08 -12.58
C ASP B 62 14.59 15.14 -12.85
N TYR B 63 14.10 16.31 -13.23
CA TYR B 63 12.69 16.46 -13.59
C TYR B 63 12.49 16.36 -15.10
N ASN B 64 13.40 15.67 -15.77
CA ASN B 64 13.32 15.49 -17.22
C ASN B 64 13.43 14.03 -17.62
N GLY B 65 13.34 13.13 -16.65
CA GLY B 65 13.31 11.71 -16.91
C GLY B 65 14.66 11.01 -17.00
N ASN B 66 15.71 11.66 -16.51
CA ASN B 66 17.04 11.08 -16.61
C ASN B 66 17.58 10.61 -15.25
N VAL B 67 17.98 9.35 -15.17
CA VAL B 67 18.59 8.81 -13.95
C VAL B 67 20.02 9.33 -13.80
N LEU B 68 20.36 9.82 -12.62
CA LEU B 68 21.69 10.35 -12.36
C LEU B 68 22.47 9.44 -11.42
N THR B 69 23.53 8.82 -11.94
CA THR B 69 24.36 7.95 -11.12
C THR B 69 25.72 7.74 -11.76
N THR B 70 26.74 7.47 -10.95
CA THR B 70 28.00 6.98 -11.47
C THR B 70 27.78 5.50 -11.73
N ASP B 71 28.19 5.03 -12.93
CA ASP B 71 27.96 3.66 -13.36
C ASP B 71 28.48 2.63 -12.34
N LYS B 72 27.61 1.69 -11.99
CA LYS B 72 27.84 0.84 -10.83
C LYS B 72 28.06 -0.64 -11.14
N ARG B 73 28.12 -1.43 -10.07
CA ARG B 73 28.36 -2.87 -10.18
C ARG B 73 27.12 -3.66 -10.62
N SER B 74 25.94 -3.19 -10.25
CA SER B 74 24.71 -3.91 -10.57
C SER B 74 23.89 -3.28 -11.70
N ASN B 75 23.88 -3.92 -12.86
CA ASN B 75 23.14 -3.44 -14.01
C ASN B 75 21.63 -3.57 -13.82
N PHE B 76 21.23 -4.64 -13.14
CA PHE B 76 19.81 -4.93 -12.91
C PHE B 76 19.10 -3.81 -12.18
N GLN B 77 19.68 -3.36 -11.06
CA GLN B 77 19.13 -2.26 -10.28
C GLN B 77 18.98 -1.01 -11.14
N LEU B 78 19.92 -0.83 -12.07
CA LEU B 78 19.92 0.33 -12.95
C LEU B 78 18.78 0.27 -13.96
N ARG B 79 18.58 -0.92 -14.53
CA ARG B 79 17.46 -1.13 -15.44
C ARG B 79 16.13 -0.88 -14.74
N ALA B 80 15.98 -1.48 -13.55
CA ALA B 80 14.78 -1.32 -12.75
C ALA B 80 14.51 0.15 -12.44
N MET B 81 15.56 0.86 -12.05
CA MET B 81 15.42 2.28 -11.74
C MET B 81 14.98 3.11 -12.94
N GLN B 82 15.63 2.90 -14.08
CA GLN B 82 15.28 3.61 -15.30
C GLN B 82 13.81 3.37 -15.66
N ASN B 83 13.43 2.10 -15.65
CA ASN B 83 12.04 1.74 -15.92
C ASN B 83 11.08 2.46 -14.96
N PHE B 84 11.43 2.48 -13.68
CA PHE B 84 10.61 3.15 -12.67
C PHE B 84 10.42 4.62 -13.00
N VAL B 85 11.54 5.29 -13.30
CA VAL B 85 11.52 6.72 -13.60
C VAL B 85 10.62 7.02 -14.80
N THR B 86 10.75 6.23 -15.85
CA THR B 86 9.91 6.45 -17.02
C THR B 86 8.47 5.95 -16.84
N SER B 87 8.23 5.23 -15.75
CA SER B 87 6.89 4.68 -15.47
C SER B 87 6.06 5.57 -14.57
N ILE B 88 6.66 6.63 -14.02
CA ILE B 88 5.96 7.50 -13.08
C ILE B 88 4.77 8.17 -13.73
N GLU B 89 3.63 8.11 -13.06
CA GLU B 89 2.41 8.74 -13.57
C GLU B 89 2.24 10.15 -13.00
N ASP B 90 2.63 10.32 -11.74
CA ASP B 90 2.51 11.61 -11.08
C ASP B 90 3.72 11.88 -10.17
N TYR B 91 4.47 12.93 -10.49
CA TYR B 91 5.69 13.26 -9.76
C TYR B 91 5.43 13.84 -8.38
N ASN B 92 4.15 13.95 -7.99
CA ASN B 92 3.80 14.52 -6.70
C ASN B 92 3.34 13.45 -5.70
N LYS B 93 3.16 12.23 -6.21
CA LYS B 93 2.79 11.11 -5.35
C LYS B 93 3.83 9.99 -5.43
N PRO B 94 4.62 9.82 -4.35
CA PRO B 94 5.58 8.72 -4.27
C PRO B 94 4.88 7.37 -4.21
N LYS B 95 5.36 6.43 -5.02
CA LYS B 95 4.80 5.09 -5.04
C LYS B 95 5.94 4.09 -5.04
N GLN B 96 5.62 2.81 -5.03
CA GLN B 96 6.63 1.77 -5.16
C GLN B 96 6.25 0.70 -6.18
N ARG B 97 7.25 0.16 -6.86
CA ARG B 97 7.04 -0.89 -7.86
C ARG B 97 8.01 -2.05 -7.61
N LEU B 98 7.53 -3.27 -7.82
CA LEU B 98 8.35 -4.45 -7.61
C LEU B 98 8.94 -4.99 -8.91
N TYR B 99 10.26 -5.08 -8.95
CA TYR B 99 10.98 -5.62 -10.10
C TYR B 99 11.65 -6.93 -9.71
N GLY B 100 10.96 -8.03 -9.97
CA GLY B 100 11.41 -9.32 -9.50
C GLY B 100 11.32 -9.38 -7.98
N ARG B 101 12.46 -9.22 -7.33
CA ARG B 101 12.51 -9.20 -5.87
C ARG B 101 13.04 -7.85 -5.40
N TYR B 102 13.19 -6.91 -6.32
CA TYR B 102 13.76 -5.61 -6.01
C TYR B 102 12.71 -4.51 -6.06
N MET B 103 12.32 -4.03 -4.89
CA MET B 103 11.34 -2.96 -4.79
C MET B 103 11.99 -1.59 -4.98
N ILE B 104 11.30 -0.69 -5.66
CA ILE B 104 11.78 0.67 -5.86
C ILE B 104 10.73 1.69 -5.47
N ALA B 105 11.11 2.63 -4.61
CA ALA B 105 10.17 3.62 -4.10
C ALA B 105 10.61 5.05 -4.41
N GLY B 106 9.66 5.89 -4.79
CA GLY B 106 9.92 7.29 -5.07
C GLY B 106 8.90 7.88 -6.04
N PRO B 107 9.16 9.11 -6.51
CA PRO B 107 10.30 9.94 -6.12
C PRO B 107 9.95 10.83 -4.94
N VAL B 108 10.96 11.32 -4.23
CA VAL B 108 10.77 12.40 -3.27
C VAL B 108 11.68 13.55 -3.65
N PRO B 109 11.18 14.80 -3.57
CA PRO B 109 12.02 15.94 -3.97
C PRO B 109 13.26 16.07 -3.09
N ILE B 110 14.36 16.51 -3.69
CA ILE B 110 15.58 16.73 -2.93
C ILE B 110 16.37 17.89 -3.53
N VAL B 111 17.11 18.62 -2.71
CA VAL B 111 17.94 19.71 -3.20
C VAL B 111 19.40 19.43 -2.91
N LEU B 112 20.18 19.24 -3.98
CA LEU B 112 21.60 18.98 -3.85
C LEU B 112 22.38 19.91 -4.76
N ALA B 113 23.38 20.58 -4.21
CA ALA B 113 24.19 21.55 -4.96
C ALA B 113 23.33 22.64 -5.60
N ASP B 114 22.37 23.15 -4.83
CA ASP B 114 21.42 24.17 -5.31
C ASP B 114 20.65 23.75 -6.56
N SER B 115 20.51 22.44 -6.74
CA SER B 115 19.74 21.91 -7.87
C SER B 115 18.56 21.10 -7.36
N GLU B 116 17.41 21.25 -8.00
CA GLU B 116 16.22 20.50 -7.62
C GLU B 116 16.15 19.17 -8.36
N LEU B 117 16.29 18.09 -7.61
CA LEU B 117 16.31 16.74 -8.17
C LEU B 117 15.30 15.86 -7.45
N LEU B 118 15.32 14.58 -7.79
CA LEU B 118 14.41 13.61 -7.17
C LEU B 118 15.19 12.41 -6.66
N MET B 119 14.82 11.95 -5.47
CA MET B 119 15.49 10.84 -4.81
C MET B 119 14.59 9.61 -4.81
N TYR B 120 15.22 8.45 -4.91
CA TYR B 120 14.52 7.18 -4.95
C TYR B 120 15.28 6.20 -4.07
N VAL B 121 14.62 5.14 -3.64
CA VAL B 121 15.28 4.11 -2.83
C VAL B 121 14.94 2.72 -3.36
N GLY B 122 15.97 1.96 -3.70
CA GLY B 122 15.81 0.59 -4.14
C GLY B 122 16.21 -0.35 -3.01
N PHE B 123 15.52 -1.46 -2.90
CA PHE B 123 15.80 -2.44 -1.84
C PHE B 123 15.13 -3.75 -2.17
N LYS B 124 15.88 -4.85 -2.03
CA LYS B 124 15.31 -6.16 -2.35
C LYS B 124 14.21 -6.53 -1.37
N TRP B 125 13.15 -7.13 -1.90
CA TRP B 125 11.95 -7.43 -1.14
C TRP B 125 11.75 -8.93 -1.08
N ASN B 126 11.77 -9.49 0.14
CA ASN B 126 11.78 -10.94 0.33
C ASN B 126 10.48 -11.50 0.88
N GLU B 127 9.34 -10.99 0.43
CA GLU B 127 8.10 -11.36 1.09
C GLU B 127 6.89 -11.11 0.19
N PRO B 128 6.71 -11.95 -0.84
CA PRO B 128 5.60 -11.76 -1.79
C PRO B 128 4.20 -11.81 -1.14
N PRO B 129 3.90 -12.81 -0.28
CA PRO B 129 2.73 -12.63 0.58
C PRO B 129 3.14 -11.72 1.75
N PRO B 130 2.24 -11.33 2.66
CA PRO B 130 0.82 -11.65 2.90
C PRO B 130 -0.08 -11.30 1.72
N LEU B 131 -0.71 -12.33 1.17
CA LEU B 131 -1.62 -12.16 0.05
C LEU B 131 -2.89 -12.98 0.26
N LEU B 132 -3.10 -13.45 1.48
CA LEU B 132 -4.21 -14.37 1.78
C LEU B 132 -5.59 -13.77 1.50
N LEU B 133 -6.33 -14.46 0.63
CA LEU B 133 -7.69 -14.07 0.24
C LEU B 133 -8.47 -15.34 -0.06
N ARG B 134 -9.75 -15.22 -0.42
CA ARG B 134 -10.54 -16.41 -0.68
C ARG B 134 -11.76 -16.20 -1.58
N LEU B 135 -12.39 -17.31 -1.94
CA LEU B 135 -13.59 -17.31 -2.77
C LEU B 135 -14.65 -18.29 -2.24
N PHE B 136 -14.43 -18.85 -1.04
CA PHE B 136 -15.44 -19.73 -0.45
C PHE B 136 -16.37 -18.92 0.45
N ASP B 137 -17.38 -18.29 -0.16
CA ASP B 137 -18.30 -17.44 0.57
C ASP B 137 -19.70 -17.43 -0.05
#